data_1IM7
# 
_entry.id   1IM7 
# 
_audit_conform.dict_name       mmcif_pdbx.dic 
_audit_conform.dict_version    5.399 
_audit_conform.dict_location   http://mmcif.pdb.org/dictionaries/ascii/mmcif_pdbx.dic 
# 
loop_
_database_2.database_id 
_database_2.database_code 
_database_2.pdbx_database_accession 
_database_2.pdbx_DOI 
PDB   1IM7         pdb_00001im7 10.2210/pdb1im7/pdb 
RCSB  RCSB013406   ?            ?                   
WWPDB D_1000013406 ?            ?                   
# 
loop_
_pdbx_audit_revision_history.ordinal 
_pdbx_audit_revision_history.data_content_type 
_pdbx_audit_revision_history.major_revision 
_pdbx_audit_revision_history.minor_revision 
_pdbx_audit_revision_history.revision_date 
1 'Structure model' 1 0 2002-10-23 
2 'Structure model' 1 1 2008-04-27 
3 'Structure model' 1 2 2011-07-13 
4 'Structure model' 1 3 2022-02-23 
5 'Structure model' 1 4 2024-11-20 
# 
_pdbx_audit_revision_details.ordinal             1 
_pdbx_audit_revision_details.revision_ordinal    1 
_pdbx_audit_revision_details.data_content_type   'Structure model' 
_pdbx_audit_revision_details.provider            repository 
_pdbx_audit_revision_details.type                'Initial release' 
_pdbx_audit_revision_details.description         ? 
_pdbx_audit_revision_details.details             ? 
# 
loop_
_pdbx_audit_revision_group.ordinal 
_pdbx_audit_revision_group.revision_ordinal 
_pdbx_audit_revision_group.data_content_type 
_pdbx_audit_revision_group.group 
1 2 'Structure model' 'Version format compliance' 
2 3 'Structure model' 'Version format compliance' 
3 4 'Structure model' 'Data collection'           
4 4 'Structure model' 'Database references'       
5 4 'Structure model' 'Derived calculations'      
6 5 'Structure model' 'Data collection'           
7 5 'Structure model' 'Structure summary'         
# 
loop_
_pdbx_audit_revision_category.ordinal 
_pdbx_audit_revision_category.revision_ordinal 
_pdbx_audit_revision_category.data_content_type 
_pdbx_audit_revision_category.category 
1  4 'Structure model' database_2                
2  4 'Structure model' pdbx_nmr_software         
3  4 'Structure model' pdbx_nmr_spectrometer     
4  4 'Structure model' pdbx_struct_assembly      
5  4 'Structure model' pdbx_struct_oper_list     
6  4 'Structure model' struct_conn               
7  4 'Structure model' struct_site               
8  5 'Structure model' chem_comp_atom            
9  5 'Structure model' chem_comp_bond            
10 5 'Structure model' pdbx_entry_details        
11 5 'Structure model' pdbx_modification_feature 
# 
loop_
_pdbx_audit_revision_item.ordinal 
_pdbx_audit_revision_item.revision_ordinal 
_pdbx_audit_revision_item.data_content_type 
_pdbx_audit_revision_item.item 
1 4 'Structure model' '_database_2.pdbx_DOI'                
2 4 'Structure model' '_database_2.pdbx_database_accession' 
3 4 'Structure model' '_pdbx_nmr_software.name'             
4 4 'Structure model' '_pdbx_nmr_spectrometer.model'        
5 4 'Structure model' '_struct_conn.pdbx_leaving_atom_flag' 
6 4 'Structure model' '_struct_site.pdbx_auth_asym_id'      
7 4 'Structure model' '_struct_site.pdbx_auth_comp_id'      
8 4 'Structure model' '_struct_site.pdbx_auth_seq_id'       
# 
_pdbx_database_status.status_code                     REL 
_pdbx_database_status.entry_id                        1IM7 
_pdbx_database_status.recvd_initial_deposition_date   2001-05-10 
_pdbx_database_status.deposit_site                    RCSB 
_pdbx_database_status.process_site                    RCSB 
_pdbx_database_status.status_code_mr                  REL 
_pdbx_database_status.SG_entry                        . 
_pdbx_database_status.pdb_format_compatible           Y 
_pdbx_database_status.status_code_sf                  ? 
_pdbx_database_status.status_code_cs                  ? 
_pdbx_database_status.status_code_nmr_data            ? 
_pdbx_database_status.methods_development_category    ? 
# 
loop_
_audit_author.name 
_audit_author.pdbx_ordinal 
'Phan Chan Du, A.' 1  
'Limal, D.'        2  
'Semetey, V.'      3  
'Dali, H.'         4  
'Jolivet, M.'      5  
'Desgranges, C.'   6  
'Cung, M.T.'       7  
'Briand, J.P.'     8  
'Petit, M.C.'      9  
'Muller, S.'       10 
# 
_citation.id                        primary 
_citation.title                     
;Structural and immunological characterisation of heteroclitic peptide analogues corresponding to the 600-612 region of the HIV envelope gp41 glycoprotein.
;
_citation.journal_abbrev            J.Mol.Biol. 
_citation.journal_volume            323 
_citation.page_first                503 
_citation.page_last                 521 
_citation.year                      2002 
_citation.journal_id_ASTM           JMOBAK 
_citation.country                   UK 
_citation.journal_id_ISSN           0022-2836 
_citation.journal_id_CSD            0070 
_citation.book_publisher            ? 
_citation.pdbx_database_id_PubMed   12381305 
_citation.pdbx_database_id_DOI      '10.1016/S0022-2836(02)00701-5' 
# 
loop_
_citation_author.citation_id 
_citation_author.name 
_citation_author.ordinal 
_citation_author.identifier_ORCID 
primary 'Du, A.P.'       1  ? 
primary 'Limal, D.'      2  ? 
primary 'Semetey, V.'    3  ? 
primary 'Dali, H.'       4  ? 
primary 'Jolivet, M.'    5  ? 
primary 'Desgranges, C.' 6  ? 
primary 'Cung, M.T.'     7  ? 
primary 'Briand, J.P.'   8  ? 
primary 'Petit, M.C.'    9  ? 
primary 'Muller, S.'     10 ? 
# 
_entity.id                         1 
_entity.type                       polymer 
_entity.src_method                 syn 
_entity.pdbx_description           'GP41-PARENT PEPTIDE ACE-ILE-TRP-GLY-CYS-SER-GLY-LYS-LEU-ILE-CYS-THR-THR-ALA' 
_entity.formula_weight             1379.668 
_entity.pdbx_number_of_molecules   1 
_entity.pdbx_ec                    ? 
_entity.pdbx_mutation              ? 
_entity.pdbx_fragment              ? 
_entity.details                    ? 
# 
_entity_poly.entity_id                      1 
_entity_poly.type                           'polypeptide(L)' 
_entity_poly.nstd_linkage                   no 
_entity_poly.nstd_monomer                   yes 
_entity_poly.pdbx_seq_one_letter_code       '(ACE)IWGCSGKLICTTA' 
_entity_poly.pdbx_seq_one_letter_code_can   XIWGCSGKLICTTA 
_entity_poly.pdbx_strand_id                 A 
_entity_poly.pdbx_target_identifier         ? 
# 
loop_
_entity_poly_seq.entity_id 
_entity_poly_seq.num 
_entity_poly_seq.mon_id 
_entity_poly_seq.hetero 
1 1  ACE n 
1 2  ILE n 
1 3  TRP n 
1 4  GLY n 
1 5  CYS n 
1 6  SER n 
1 7  GLY n 
1 8  LYS n 
1 9  LEU n 
1 10 ILE n 
1 11 CYS n 
1 12 THR n 
1 13 THR n 
1 14 ALA n 
# 
_pdbx_entity_src_syn.entity_id              1 
_pdbx_entity_src_syn.pdbx_src_id            1 
_pdbx_entity_src_syn.pdbx_alt_source_flag   sample 
_pdbx_entity_src_syn.pdbx_beg_seq_num       ? 
_pdbx_entity_src_syn.pdbx_end_seq_num       ? 
_pdbx_entity_src_syn.organism_scientific    ? 
_pdbx_entity_src_syn.organism_common_name   ? 
_pdbx_entity_src_syn.ncbi_taxonomy_id       ? 
_pdbx_entity_src_syn.details                'THIS SEQUENCE OCCURS NATURALLY IN HUMAN IMMUNODEFICIENCY VIRUS TYPE 1' 
# 
loop_
_chem_comp.id 
_chem_comp.type 
_chem_comp.mon_nstd_flag 
_chem_comp.name 
_chem_comp.pdbx_synonyms 
_chem_comp.formula 
_chem_comp.formula_weight 
ACE non-polymer         . 'ACETYL GROUP' ? 'C2 H4 O'        44.053  
ALA 'L-peptide linking' y ALANINE        ? 'C3 H7 N O2'     89.093  
CYS 'L-peptide linking' y CYSTEINE       ? 'C3 H7 N O2 S'   121.158 
GLY 'peptide linking'   y GLYCINE        ? 'C2 H5 N O2'     75.067  
ILE 'L-peptide linking' y ISOLEUCINE     ? 'C6 H13 N O2'    131.173 
LEU 'L-peptide linking' y LEUCINE        ? 'C6 H13 N O2'    131.173 
LYS 'L-peptide linking' y LYSINE         ? 'C6 H15 N2 O2 1' 147.195 
SER 'L-peptide linking' y SERINE         ? 'C3 H7 N O3'     105.093 
THR 'L-peptide linking' y THREONINE      ? 'C4 H9 N O3'     119.119 
TRP 'L-peptide linking' y TRYPTOPHAN     ? 'C11 H12 N2 O2'  204.225 
# 
loop_
_pdbx_poly_seq_scheme.asym_id 
_pdbx_poly_seq_scheme.entity_id 
_pdbx_poly_seq_scheme.seq_id 
_pdbx_poly_seq_scheme.mon_id 
_pdbx_poly_seq_scheme.ndb_seq_num 
_pdbx_poly_seq_scheme.pdb_seq_num 
_pdbx_poly_seq_scheme.auth_seq_num 
_pdbx_poly_seq_scheme.pdb_mon_id 
_pdbx_poly_seq_scheme.auth_mon_id 
_pdbx_poly_seq_scheme.pdb_strand_id 
_pdbx_poly_seq_scheme.pdb_ins_code 
_pdbx_poly_seq_scheme.hetero 
A 1 1  ACE 1  1  1  ACE ACE A . n 
A 1 2  ILE 2  2  2  ILE ILE A . n 
A 1 3  TRP 3  3  3  TRP TRP A . n 
A 1 4  GLY 4  4  4  GLY GLY A . n 
A 1 5  CYS 5  5  5  CYS CYS A . n 
A 1 6  SER 6  6  6  SER SER A . n 
A 1 7  GLY 7  7  7  GLY GLY A . n 
A 1 8  LYS 8  8  8  LYS LYS A . n 
A 1 9  LEU 9  9  9  LEU LEU A . n 
A 1 10 ILE 10 10 10 ILE ILE A . n 
A 1 11 CYS 11 11 11 CYS CYS A . n 
A 1 12 THR 12 12 12 THR THR A . n 
A 1 13 THR 13 13 13 THR THR A . n 
A 1 14 ALA 14 14 14 ALA ALA A . n 
# 
_cell.entry_id           1IM7 
_cell.length_a           1 
_cell.length_b           1 
_cell.length_c           1 
_cell.angle_alpha        90 
_cell.angle_beta         90 
_cell.angle_gamma        90 
_cell.Z_PDB              1 
_cell.pdbx_unique_axis   ? 
# 
_symmetry.entry_id                         1IM7 
_symmetry.space_group_name_H-M             'P 1' 
_symmetry.pdbx_full_space_group_name_H-M   ? 
_symmetry.cell_setting                     ? 
_symmetry.Int_Tables_number                1 
# 
_exptl.entry_id          1IM7 
_exptl.method            'SOLUTION NMR' 
_exptl.crystals_number   ? 
# 
_exptl_crystal.id                    1 
_exptl_crystal.density_meas          ? 
_exptl_crystal.density_Matthews      ? 
_exptl_crystal.density_percent_sol   ? 
_exptl_crystal.description           ? 
# 
_diffrn.id                     1 
_diffrn.ambient_temp           ? 
_diffrn.ambient_temp_details   ? 
_diffrn.crystal_id             1 
# 
_diffrn_radiation.diffrn_id                        1 
_diffrn_radiation.wavelength_id                    1 
_diffrn_radiation.pdbx_monochromatic_or_laue_m_l   M 
_diffrn_radiation.monochromator                    ? 
_diffrn_radiation.pdbx_diffrn_protocol             'SINGLE WAVELENGTH' 
_diffrn_radiation.pdbx_scattering_type             ? 
# 
_diffrn_radiation_wavelength.id           1 
_diffrn_radiation_wavelength.wavelength   . 
_diffrn_radiation_wavelength.wt           1.0 
# 
_struct.entry_id                  1IM7 
_struct.title                     
'Solution structure of synthetic cyclic peptide mimicking the loop of HIV-1 gp41 glycoprotein envelope' 
_struct.pdbx_model_details        ? 
_struct.pdbx_CASP_flag            ? 
_struct.pdbx_model_type_details   'minimized average' 
# 
_struct_keywords.entry_id        1IM7 
_struct_keywords.pdbx_keywords   'VIRAL PROTEIN' 
_struct_keywords.text            'Cyclic peptide, Viral protein' 
# 
_struct_asym.id                            A 
_struct_asym.pdbx_blank_PDB_chainid_flag   N 
_struct_asym.pdbx_modified                 N 
_struct_asym.entity_id                     1 
_struct_asym.details                       ? 
# 
_struct_ref.id                         1 
_struct_ref.db_name                    UNP 
_struct_ref.db_code                    ENV_HV1BN 
_struct_ref.entity_id                  1 
_struct_ref.pdbx_seq_one_letter_code   IWGCSGKLICTTA 
_struct_ref.pdbx_align_begin           591 
_struct_ref.pdbx_db_accession          P12488 
_struct_ref.pdbx_db_isoform            ? 
# 
_struct_ref_seq.align_id                      1 
_struct_ref_seq.ref_id                        1 
_struct_ref_seq.pdbx_PDB_id_code              1IM7 
_struct_ref_seq.pdbx_strand_id                A 
_struct_ref_seq.seq_align_beg                 2 
_struct_ref_seq.pdbx_seq_align_beg_ins_code   ? 
_struct_ref_seq.seq_align_end                 14 
_struct_ref_seq.pdbx_seq_align_end_ins_code   ? 
_struct_ref_seq.pdbx_db_accession             P12488 
_struct_ref_seq.db_align_beg                  591 
_struct_ref_seq.pdbx_db_align_beg_ins_code    ? 
_struct_ref_seq.db_align_end                  603 
_struct_ref_seq.pdbx_db_align_end_ins_code    ? 
_struct_ref_seq.pdbx_auth_seq_align_beg       2 
_struct_ref_seq.pdbx_auth_seq_align_end       14 
# 
_pdbx_struct_assembly.id                   1 
_pdbx_struct_assembly.details              author_defined_assembly 
_pdbx_struct_assembly.method_details       ? 
_pdbx_struct_assembly.oligomeric_details   monomeric 
_pdbx_struct_assembly.oligomeric_count     1 
# 
_pdbx_struct_assembly_gen.assembly_id       1 
_pdbx_struct_assembly_gen.oper_expression   1 
_pdbx_struct_assembly_gen.asym_id_list      A 
# 
_pdbx_struct_oper_list.id                   1 
_pdbx_struct_oper_list.type                 'identity operation' 
_pdbx_struct_oper_list.name                 1_555 
_pdbx_struct_oper_list.symmetry_operation   x,y,z 
_pdbx_struct_oper_list.matrix[1][1]         1.0000000000 
_pdbx_struct_oper_list.matrix[1][2]         0.0000000000 
_pdbx_struct_oper_list.matrix[1][3]         0.0000000000 
_pdbx_struct_oper_list.vector[1]            0.0000000000 
_pdbx_struct_oper_list.matrix[2][1]         0.0000000000 
_pdbx_struct_oper_list.matrix[2][2]         1.0000000000 
_pdbx_struct_oper_list.matrix[2][3]         0.0000000000 
_pdbx_struct_oper_list.vector[2]            0.0000000000 
_pdbx_struct_oper_list.matrix[3][1]         0.0000000000 
_pdbx_struct_oper_list.matrix[3][2]         0.0000000000 
_pdbx_struct_oper_list.matrix[3][3]         1.0000000000 
_pdbx_struct_oper_list.vector[3]            0.0000000000 
# 
_struct_biol.id   1 
# 
loop_
_struct_conn.id 
_struct_conn.conn_type_id 
_struct_conn.pdbx_leaving_atom_flag 
_struct_conn.pdbx_PDB_id 
_struct_conn.ptnr1_label_asym_id 
_struct_conn.ptnr1_label_comp_id 
_struct_conn.ptnr1_label_seq_id 
_struct_conn.ptnr1_label_atom_id 
_struct_conn.pdbx_ptnr1_label_alt_id 
_struct_conn.pdbx_ptnr1_PDB_ins_code 
_struct_conn.pdbx_ptnr1_standard_comp_id 
_struct_conn.ptnr1_symmetry 
_struct_conn.ptnr2_label_asym_id 
_struct_conn.ptnr2_label_comp_id 
_struct_conn.ptnr2_label_seq_id 
_struct_conn.ptnr2_label_atom_id 
_struct_conn.pdbx_ptnr2_label_alt_id 
_struct_conn.pdbx_ptnr2_PDB_ins_code 
_struct_conn.ptnr1_auth_asym_id 
_struct_conn.ptnr1_auth_comp_id 
_struct_conn.ptnr1_auth_seq_id 
_struct_conn.ptnr2_auth_asym_id 
_struct_conn.ptnr2_auth_comp_id 
_struct_conn.ptnr2_auth_seq_id 
_struct_conn.ptnr2_symmetry 
_struct_conn.pdbx_ptnr3_label_atom_id 
_struct_conn.pdbx_ptnr3_label_seq_id 
_struct_conn.pdbx_ptnr3_label_comp_id 
_struct_conn.pdbx_ptnr3_label_asym_id 
_struct_conn.pdbx_ptnr3_label_alt_id 
_struct_conn.pdbx_ptnr3_PDB_ins_code 
_struct_conn.details 
_struct_conn.pdbx_dist_value 
_struct_conn.pdbx_value_order 
_struct_conn.pdbx_role 
disulf1 disulf ?    ? A CYS 5 SG ? ? ? 1_555 A CYS 11 SG ? ? A CYS 5 A CYS 11 1_555 ? ? ? ? ? ? ? 2.101 ? ? 
covale1 covale both ? A ACE 1 C  ? ? ? 1_555 A ILE 2  N  ? ? A ACE 1 A ILE 2  1_555 ? ? ? ? ? ? ? 1.325 ? ? 
# 
loop_
_struct_conn_type.id 
_struct_conn_type.criteria 
_struct_conn_type.reference 
disulf ? ? 
covale ? ? 
# 
loop_
_pdbx_modification_feature.ordinal 
_pdbx_modification_feature.label_comp_id 
_pdbx_modification_feature.label_asym_id 
_pdbx_modification_feature.label_seq_id 
_pdbx_modification_feature.label_alt_id 
_pdbx_modification_feature.modified_residue_label_comp_id 
_pdbx_modification_feature.modified_residue_label_asym_id 
_pdbx_modification_feature.modified_residue_label_seq_id 
_pdbx_modification_feature.modified_residue_label_alt_id 
_pdbx_modification_feature.auth_comp_id 
_pdbx_modification_feature.auth_asym_id 
_pdbx_modification_feature.auth_seq_id 
_pdbx_modification_feature.PDB_ins_code 
_pdbx_modification_feature.symmetry 
_pdbx_modification_feature.modified_residue_auth_comp_id 
_pdbx_modification_feature.modified_residue_auth_asym_id 
_pdbx_modification_feature.modified_residue_auth_seq_id 
_pdbx_modification_feature.modified_residue_PDB_ins_code 
_pdbx_modification_feature.modified_residue_symmetry 
_pdbx_modification_feature.comp_id_linking_atom 
_pdbx_modification_feature.modified_residue_id_linking_atom 
_pdbx_modification_feature.modified_residue_id 
_pdbx_modification_feature.ref_pcm_id 
_pdbx_modification_feature.ref_comp_id 
_pdbx_modification_feature.type 
_pdbx_modification_feature.category 
1 ACE A 1 ? ILE A 2  ? ACE A 1 ? 1_555 ILE A 2  ? 1_555 .  .  ILE 3 ACE None 'Terminal acetylation' 
2 CYS A 5 ? CYS A 11 ? CYS A 5 ? 1_555 CYS A 11 ? 1_555 SG SG .   . .   None 'Disulfide bridge'     
# 
_struct_site.id                   AC1 
_struct_site.pdbx_evidence_code   Software 
_struct_site.pdbx_auth_asym_id    A 
_struct_site.pdbx_auth_comp_id    ACE 
_struct_site.pdbx_auth_seq_id     1 
_struct_site.pdbx_auth_ins_code   ? 
_struct_site.pdbx_num_residues    1 
_struct_site.details              'BINDING SITE FOR RESIDUE ACE A 1' 
# 
_struct_site_gen.id                   1 
_struct_site_gen.site_id              AC1 
_struct_site_gen.pdbx_num_res         1 
_struct_site_gen.label_comp_id        TRP 
_struct_site_gen.label_asym_id        A 
_struct_site_gen.label_seq_id         3 
_struct_site_gen.pdbx_auth_ins_code   ? 
_struct_site_gen.auth_comp_id         TRP 
_struct_site_gen.auth_asym_id         A 
_struct_site_gen.auth_seq_id          3 
_struct_site_gen.label_atom_id        . 
_struct_site_gen.label_alt_id         ? 
_struct_site_gen.symmetry             1_555 
_struct_site_gen.details              ? 
# 
_pdbx_entry_details.entry_id                   1IM7 
_pdbx_entry_details.compound_details           ? 
_pdbx_entry_details.source_details             ? 
_pdbx_entry_details.nonpolymer_details         ? 
_pdbx_entry_details.sequence_details           ? 
_pdbx_entry_details.has_ligand_of_interest     ? 
_pdbx_entry_details.has_protein_modification   Y 
# 
loop_
_pdbx_validate_torsion.id 
_pdbx_validate_torsion.PDB_model_num 
_pdbx_validate_torsion.auth_comp_id 
_pdbx_validate_torsion.auth_asym_id 
_pdbx_validate_torsion.auth_seq_id 
_pdbx_validate_torsion.PDB_ins_code 
_pdbx_validate_torsion.label_alt_id 
_pdbx_validate_torsion.phi 
_pdbx_validate_torsion.psi 
1 1 TRP A 3  ? ? -67.76  94.62 
2 1 ILE A 10 ? ? -107.05 75.23 
# 
_pdbx_nmr_ensemble.entry_id                                      1IM7 
_pdbx_nmr_ensemble.conformers_calculated_total_number            50 
_pdbx_nmr_ensemble.conformers_submitted_total_number             1 
_pdbx_nmr_ensemble.conformer_selection_criteria                  'target function' 
_pdbx_nmr_ensemble.average_constraints_per_residue               ? 
_pdbx_nmr_ensemble.average_constraint_violations_per_residue     ? 
_pdbx_nmr_ensemble.maximum_distance_constraint_violation         ? 
_pdbx_nmr_ensemble.average_distance_constraint_violation         ? 
_pdbx_nmr_ensemble.maximum_upper_distance_constraint_violation   ? 
_pdbx_nmr_ensemble.maximum_lower_distance_constraint_violation   ? 
_pdbx_nmr_ensemble.distance_constraint_violation_method          ? 
_pdbx_nmr_ensemble.maximum_torsion_angle_constraint_violation    ? 
_pdbx_nmr_ensemble.average_torsion_angle_constraint_violation    ? 
_pdbx_nmr_ensemble.torsion_angle_constraint_violation_method     ? 
# 
_pdbx_nmr_representative.entry_id             1IM7 
_pdbx_nmr_representative.conformer_id         1 
_pdbx_nmr_representative.selection_criteria   'minimized average structure' 
# 
_pdbx_nmr_sample_details.solution_id      1 
_pdbx_nmr_sample_details.contents         '2mM and 4mM peptide ; 500 ul DMSO-D6' 
_pdbx_nmr_sample_details.solvent_system   DMSO-D6 
# 
_pdbx_nmr_exptl_sample_conditions.conditions_id       1 
_pdbx_nmr_exptl_sample_conditions.temperature         298 
_pdbx_nmr_exptl_sample_conditions.pressure            ambient 
_pdbx_nmr_exptl_sample_conditions.pH                  ? 
_pdbx_nmr_exptl_sample_conditions.ionic_strength      ? 
_pdbx_nmr_exptl_sample_conditions.pressure_units      ? 
_pdbx_nmr_exptl_sample_conditions.temperature_units   K 
# 
_pdbx_nmr_exptl.experiment_id   1 
_pdbx_nmr_exptl.solution_id     1 
_pdbx_nmr_exptl.conditions_id   1 
_pdbx_nmr_exptl.type            '2D NOESY' 
# 
_pdbx_nmr_details.entry_id   1IM7 
_pdbx_nmr_details.text       
;This structure was determined using standard 2D homonuclear techniques.  
NOESY experiments with mixing times from 80ms to 800ms were reccorded in order to define the best conditions avoiding spin diffusion.
;
# 
_pdbx_nmr_refine.entry_id           1IM7 
_pdbx_nmr_refine.method             
;torsion angle dynamics   
energy minimisation
;
_pdbx_nmr_refine.details            
;50 initial random strucutres were produced using simulated annealing in DYANA software.Refinement was done with 500 steps restrained minimization , 35ps MD in vacuo at 300K for equilibration and 200ps MD under NMR restraints and 750 steps conjugeted gradient EM using DISCOVER module of MSI software.
;
_pdbx_nmr_refine.software_ordinal   1 
# 
loop_
_pdbx_nmr_software.name 
_pdbx_nmr_software.version 
_pdbx_nmr_software.classification 
_pdbx_nmr_software.authors 
_pdbx_nmr_software.ordinal 
XwinNMR  2.6 collection      'Bruker brmH'                                                                             1 
XwinNMR  2.6 processing      'Bruker brmH'                                                                             2 
XEASY    ?   'data analysis' 'Bartels C.,Xia T. , Billeter M., Guentert P. and Wthrich K. J. Biomolecular NMR 5, 1-10' 3 
DYANA    1.5 refinement      'Guentert P., Mumenthaler C.and Wuethrich K., (1997) J. Mol. Biol. 273, 283-298'          4 
Discover 3   refinement      'Molecular SImulation Inc., San Diego'                                                    5 
# 
loop_
_chem_comp_atom.comp_id 
_chem_comp_atom.atom_id 
_chem_comp_atom.type_symbol 
_chem_comp_atom.pdbx_aromatic_flag 
_chem_comp_atom.pdbx_stereo_config 
_chem_comp_atom.pdbx_ordinal 
ACE C    C N N 1   
ACE O    O N N 2   
ACE CH3  C N N 3   
ACE H    H N N 4   
ACE H1   H N N 5   
ACE H2   H N N 6   
ACE H3   H N N 7   
ALA N    N N N 8   
ALA CA   C N S 9   
ALA C    C N N 10  
ALA O    O N N 11  
ALA CB   C N N 12  
ALA OXT  O N N 13  
ALA H    H N N 14  
ALA H2   H N N 15  
ALA HA   H N N 16  
ALA HB1  H N N 17  
ALA HB2  H N N 18  
ALA HB3  H N N 19  
ALA HXT  H N N 20  
CYS N    N N N 21  
CYS CA   C N R 22  
CYS C    C N N 23  
CYS O    O N N 24  
CYS CB   C N N 25  
CYS SG   S N N 26  
CYS OXT  O N N 27  
CYS H    H N N 28  
CYS H2   H N N 29  
CYS HA   H N N 30  
CYS HB2  H N N 31  
CYS HB3  H N N 32  
CYS HG   H N N 33  
CYS HXT  H N N 34  
GLY N    N N N 35  
GLY CA   C N N 36  
GLY C    C N N 37  
GLY O    O N N 38  
GLY OXT  O N N 39  
GLY H    H N N 40  
GLY H2   H N N 41  
GLY HA2  H N N 42  
GLY HA3  H N N 43  
GLY HXT  H N N 44  
ILE N    N N N 45  
ILE CA   C N S 46  
ILE C    C N N 47  
ILE O    O N N 48  
ILE CB   C N S 49  
ILE CG1  C N N 50  
ILE CG2  C N N 51  
ILE CD1  C N N 52  
ILE OXT  O N N 53  
ILE H    H N N 54  
ILE H2   H N N 55  
ILE HA   H N N 56  
ILE HB   H N N 57  
ILE HG12 H N N 58  
ILE HG13 H N N 59  
ILE HG21 H N N 60  
ILE HG22 H N N 61  
ILE HG23 H N N 62  
ILE HD11 H N N 63  
ILE HD12 H N N 64  
ILE HD13 H N N 65  
ILE HXT  H N N 66  
LEU N    N N N 67  
LEU CA   C N S 68  
LEU C    C N N 69  
LEU O    O N N 70  
LEU CB   C N N 71  
LEU CG   C N N 72  
LEU CD1  C N N 73  
LEU CD2  C N N 74  
LEU OXT  O N N 75  
LEU H    H N N 76  
LEU H2   H N N 77  
LEU HA   H N N 78  
LEU HB2  H N N 79  
LEU HB3  H N N 80  
LEU HG   H N N 81  
LEU HD11 H N N 82  
LEU HD12 H N N 83  
LEU HD13 H N N 84  
LEU HD21 H N N 85  
LEU HD22 H N N 86  
LEU HD23 H N N 87  
LEU HXT  H N N 88  
LYS N    N N N 89  
LYS CA   C N S 90  
LYS C    C N N 91  
LYS O    O N N 92  
LYS CB   C N N 93  
LYS CG   C N N 94  
LYS CD   C N N 95  
LYS CE   C N N 96  
LYS NZ   N N N 97  
LYS OXT  O N N 98  
LYS H    H N N 99  
LYS H2   H N N 100 
LYS HA   H N N 101 
LYS HB2  H N N 102 
LYS HB3  H N N 103 
LYS HG2  H N N 104 
LYS HG3  H N N 105 
LYS HD2  H N N 106 
LYS HD3  H N N 107 
LYS HE2  H N N 108 
LYS HE3  H N N 109 
LYS HZ1  H N N 110 
LYS HZ2  H N N 111 
LYS HZ3  H N N 112 
LYS HXT  H N N 113 
SER N    N N N 114 
SER CA   C N S 115 
SER C    C N N 116 
SER O    O N N 117 
SER CB   C N N 118 
SER OG   O N N 119 
SER OXT  O N N 120 
SER H    H N N 121 
SER H2   H N N 122 
SER HA   H N N 123 
SER HB2  H N N 124 
SER HB3  H N N 125 
SER HG   H N N 126 
SER HXT  H N N 127 
THR N    N N N 128 
THR CA   C N S 129 
THR C    C N N 130 
THR O    O N N 131 
THR CB   C N R 132 
THR OG1  O N N 133 
THR CG2  C N N 134 
THR OXT  O N N 135 
THR H    H N N 136 
THR H2   H N N 137 
THR HA   H N N 138 
THR HB   H N N 139 
THR HG1  H N N 140 
THR HG21 H N N 141 
THR HG22 H N N 142 
THR HG23 H N N 143 
THR HXT  H N N 144 
TRP N    N N N 145 
TRP CA   C N S 146 
TRP C    C N N 147 
TRP O    O N N 148 
TRP CB   C N N 149 
TRP CG   C Y N 150 
TRP CD1  C Y N 151 
TRP CD2  C Y N 152 
TRP NE1  N Y N 153 
TRP CE2  C Y N 154 
TRP CE3  C Y N 155 
TRP CZ2  C Y N 156 
TRP CZ3  C Y N 157 
TRP CH2  C Y N 158 
TRP OXT  O N N 159 
TRP H    H N N 160 
TRP H2   H N N 161 
TRP HA   H N N 162 
TRP HB2  H N N 163 
TRP HB3  H N N 164 
TRP HD1  H N N 165 
TRP HE1  H N N 166 
TRP HE3  H N N 167 
TRP HZ2  H N N 168 
TRP HZ3  H N N 169 
TRP HH2  H N N 170 
TRP HXT  H N N 171 
# 
loop_
_chem_comp_bond.comp_id 
_chem_comp_bond.atom_id_1 
_chem_comp_bond.atom_id_2 
_chem_comp_bond.value_order 
_chem_comp_bond.pdbx_aromatic_flag 
_chem_comp_bond.pdbx_stereo_config 
_chem_comp_bond.pdbx_ordinal 
ACE C   O    doub N N 1   
ACE C   CH3  sing N N 2   
ACE C   H    sing N N 3   
ACE CH3 H1   sing N N 4   
ACE CH3 H2   sing N N 5   
ACE CH3 H3   sing N N 6   
ALA N   CA   sing N N 7   
ALA N   H    sing N N 8   
ALA N   H2   sing N N 9   
ALA CA  C    sing N N 10  
ALA CA  CB   sing N N 11  
ALA CA  HA   sing N N 12  
ALA C   O    doub N N 13  
ALA C   OXT  sing N N 14  
ALA CB  HB1  sing N N 15  
ALA CB  HB2  sing N N 16  
ALA CB  HB3  sing N N 17  
ALA OXT HXT  sing N N 18  
CYS N   CA   sing N N 19  
CYS N   H    sing N N 20  
CYS N   H2   sing N N 21  
CYS CA  C    sing N N 22  
CYS CA  CB   sing N N 23  
CYS CA  HA   sing N N 24  
CYS C   O    doub N N 25  
CYS C   OXT  sing N N 26  
CYS CB  SG   sing N N 27  
CYS CB  HB2  sing N N 28  
CYS CB  HB3  sing N N 29  
CYS SG  HG   sing N N 30  
CYS OXT HXT  sing N N 31  
GLY N   CA   sing N N 32  
GLY N   H    sing N N 33  
GLY N   H2   sing N N 34  
GLY CA  C    sing N N 35  
GLY CA  HA2  sing N N 36  
GLY CA  HA3  sing N N 37  
GLY C   O    doub N N 38  
GLY C   OXT  sing N N 39  
GLY OXT HXT  sing N N 40  
ILE N   CA   sing N N 41  
ILE N   H    sing N N 42  
ILE N   H2   sing N N 43  
ILE CA  C    sing N N 44  
ILE CA  CB   sing N N 45  
ILE CA  HA   sing N N 46  
ILE C   O    doub N N 47  
ILE C   OXT  sing N N 48  
ILE CB  CG1  sing N N 49  
ILE CB  CG2  sing N N 50  
ILE CB  HB   sing N N 51  
ILE CG1 CD1  sing N N 52  
ILE CG1 HG12 sing N N 53  
ILE CG1 HG13 sing N N 54  
ILE CG2 HG21 sing N N 55  
ILE CG2 HG22 sing N N 56  
ILE CG2 HG23 sing N N 57  
ILE CD1 HD11 sing N N 58  
ILE CD1 HD12 sing N N 59  
ILE CD1 HD13 sing N N 60  
ILE OXT HXT  sing N N 61  
LEU N   CA   sing N N 62  
LEU N   H    sing N N 63  
LEU N   H2   sing N N 64  
LEU CA  C    sing N N 65  
LEU CA  CB   sing N N 66  
LEU CA  HA   sing N N 67  
LEU C   O    doub N N 68  
LEU C   OXT  sing N N 69  
LEU CB  CG   sing N N 70  
LEU CB  HB2  sing N N 71  
LEU CB  HB3  sing N N 72  
LEU CG  CD1  sing N N 73  
LEU CG  CD2  sing N N 74  
LEU CG  HG   sing N N 75  
LEU CD1 HD11 sing N N 76  
LEU CD1 HD12 sing N N 77  
LEU CD1 HD13 sing N N 78  
LEU CD2 HD21 sing N N 79  
LEU CD2 HD22 sing N N 80  
LEU CD2 HD23 sing N N 81  
LEU OXT HXT  sing N N 82  
LYS N   CA   sing N N 83  
LYS N   H    sing N N 84  
LYS N   H2   sing N N 85  
LYS CA  C    sing N N 86  
LYS CA  CB   sing N N 87  
LYS CA  HA   sing N N 88  
LYS C   O    doub N N 89  
LYS C   OXT  sing N N 90  
LYS CB  CG   sing N N 91  
LYS CB  HB2  sing N N 92  
LYS CB  HB3  sing N N 93  
LYS CG  CD   sing N N 94  
LYS CG  HG2  sing N N 95  
LYS CG  HG3  sing N N 96  
LYS CD  CE   sing N N 97  
LYS CD  HD2  sing N N 98  
LYS CD  HD3  sing N N 99  
LYS CE  NZ   sing N N 100 
LYS CE  HE2  sing N N 101 
LYS CE  HE3  sing N N 102 
LYS NZ  HZ1  sing N N 103 
LYS NZ  HZ2  sing N N 104 
LYS NZ  HZ3  sing N N 105 
LYS OXT HXT  sing N N 106 
SER N   CA   sing N N 107 
SER N   H    sing N N 108 
SER N   H2   sing N N 109 
SER CA  C    sing N N 110 
SER CA  CB   sing N N 111 
SER CA  HA   sing N N 112 
SER C   O    doub N N 113 
SER C   OXT  sing N N 114 
SER CB  OG   sing N N 115 
SER CB  HB2  sing N N 116 
SER CB  HB3  sing N N 117 
SER OG  HG   sing N N 118 
SER OXT HXT  sing N N 119 
THR N   CA   sing N N 120 
THR N   H    sing N N 121 
THR N   H2   sing N N 122 
THR CA  C    sing N N 123 
THR CA  CB   sing N N 124 
THR CA  HA   sing N N 125 
THR C   O    doub N N 126 
THR C   OXT  sing N N 127 
THR CB  OG1  sing N N 128 
THR CB  CG2  sing N N 129 
THR CB  HB   sing N N 130 
THR OG1 HG1  sing N N 131 
THR CG2 HG21 sing N N 132 
THR CG2 HG22 sing N N 133 
THR CG2 HG23 sing N N 134 
THR OXT HXT  sing N N 135 
TRP N   CA   sing N N 136 
TRP N   H    sing N N 137 
TRP N   H2   sing N N 138 
TRP CA  C    sing N N 139 
TRP CA  CB   sing N N 140 
TRP CA  HA   sing N N 141 
TRP C   O    doub N N 142 
TRP C   OXT  sing N N 143 
TRP CB  CG   sing N N 144 
TRP CB  HB2  sing N N 145 
TRP CB  HB3  sing N N 146 
TRP CG  CD1  doub Y N 147 
TRP CG  CD2  sing Y N 148 
TRP CD1 NE1  sing Y N 149 
TRP CD1 HD1  sing N N 150 
TRP CD2 CE2  doub Y N 151 
TRP CD2 CE3  sing Y N 152 
TRP NE1 CE2  sing Y N 153 
TRP NE1 HE1  sing N N 154 
TRP CE2 CZ2  sing Y N 155 
TRP CE3 CZ3  doub Y N 156 
TRP CE3 HE3  sing N N 157 
TRP CZ2 CH2  doub Y N 158 
TRP CZ2 HZ2  sing N N 159 
TRP CZ3 CH2  sing Y N 160 
TRP CZ3 HZ3  sing N N 161 
TRP CH2 HH2  sing N N 162 
TRP OXT HXT  sing N N 163 
# 
loop_
_pdbx_nmr_spectrometer.spectrometer_id 
_pdbx_nmr_spectrometer.type 
_pdbx_nmr_spectrometer.manufacturer 
_pdbx_nmr_spectrometer.model 
_pdbx_nmr_spectrometer.field_strength 
1 ? Bruker AVANCE 400 
2 ? Bruker AVANCE 600 
# 
_atom_sites.entry_id                    1IM7 
_atom_sites.fract_transf_matrix[1][1]   1.000000 
_atom_sites.fract_transf_matrix[1][2]   0.000000 
_atom_sites.fract_transf_matrix[1][3]   0.000000 
_atom_sites.fract_transf_matrix[2][1]   0.000000 
_atom_sites.fract_transf_matrix[2][2]   1.000000 
_atom_sites.fract_transf_matrix[2][3]   0.000000 
_atom_sites.fract_transf_matrix[3][1]   0.000000 
_atom_sites.fract_transf_matrix[3][2]   0.000000 
_atom_sites.fract_transf_matrix[3][3]   1.000000 
_atom_sites.fract_transf_vector[1]      0.00000 
_atom_sites.fract_transf_vector[2]      0.00000 
_atom_sites.fract_transf_vector[3]      0.00000 
# 
loop_
_atom_type.symbol 
C 
H 
N 
O 
S 
# 
loop_
_atom_site.group_PDB 
_atom_site.id 
_atom_site.type_symbol 
_atom_site.label_atom_id 
_atom_site.label_alt_id 
_atom_site.label_comp_id 
_atom_site.label_asym_id 
_atom_site.label_entity_id 
_atom_site.label_seq_id 
_atom_site.pdbx_PDB_ins_code 
_atom_site.Cartn_x 
_atom_site.Cartn_y 
_atom_site.Cartn_z 
_atom_site.occupancy 
_atom_site.B_iso_or_equiv 
_atom_site.pdbx_formal_charge 
_atom_site.auth_seq_id 
_atom_site.auth_comp_id 
_atom_site.auth_asym_id 
_atom_site.auth_atom_id 
_atom_site.pdbx_PDB_model_num 
HETATM 1   C C    . ACE A 1 1  ? 5.288  3.195  6.628  1.00 0.00 ? 1  ACE A C    1 
HETATM 2   O O    . ACE A 1 1  ? 5.485  4.409  6.633  1.00 0.00 ? 1  ACE A O    1 
HETATM 3   C CH3  . ACE A 1 1  ? 4.699  2.518  7.817  1.00 0.00 ? 1  ACE A CH3  1 
HETATM 4   H H1   . ACE A 1 1  ? 5.446  1.868  8.272  1.00 0.00 ? 1  ACE A H1   1 
HETATM 5   H H2   . ACE A 1 1  ? 4.381  3.268  8.542  1.00 0.00 ? 1  ACE A H2   1 
HETATM 6   H H3   . ACE A 1 1  ? 3.840  1.924  7.508  1.00 0.00 ? 1  ACE A H3   1 
ATOM   7   N N    . ILE A 1 2  ? 5.568  2.395  5.610  1.00 0.00 ? 2  ILE A N    1 
ATOM   8   C CA   . ILE A 1 2  ? 6.156  2.917  4.388  1.00 0.00 ? 2  ILE A CA   1 
ATOM   9   C C    . ILE A 1 2  ? 5.063  3.083  3.330  1.00 0.00 ? 2  ILE A C    1 
ATOM   10  O O    . ILE A 1 2  ? 4.674  2.116  2.676  1.00 0.00 ? 2  ILE A O    1 
ATOM   11  C CB   . ILE A 1 2  ? 7.321  2.035  3.934  1.00 0.00 ? 2  ILE A CB   1 
ATOM   12  C CG1  . ILE A 1 2  ? 8.146  2.730  2.850  1.00 0.00 ? 2  ILE A CG1  1 
ATOM   13  C CG2  . ILE A 1 2  ? 6.823  0.660  3.482  1.00 0.00 ? 2  ILE A CG2  1 
ATOM   14  C CD1  . ILE A 1 2  ? 7.294  3.016  1.611  1.00 0.00 ? 2  ILE A CD1  1 
ATOM   15  H H    . ILE A 1 2  ? 5.400  1.409  5.610  1.00 0.00 ? 2  ILE A H    1 
ATOM   16  H HA   . ILE A 1 2  ? 6.567  3.900  4.616  1.00 0.00 ? 2  ILE A HA   1 
ATOM   17  H HB   . ILE A 1 2  ? 7.980  1.874  4.786  1.00 0.00 ? 2  ILE A HB   1 
ATOM   18  H HG12 . ILE A 1 2  ? 8.553  3.663  3.240  1.00 0.00 ? 2  ILE A HG12 1 
ATOM   19  H HG13 . ILE A 1 2  ? 8.994  2.103  2.575  1.00 0.00 ? 2  ILE A HG13 1 
ATOM   20  H HG21 . ILE A 1 2  ? 5.852  0.458  3.935  1.00 0.00 ? 2  ILE A HG21 1 
ATOM   21  H HG22 . ILE A 1 2  ? 6.727  0.647  2.396  1.00 0.00 ? 2  ILE A HG22 1 
ATOM   22  H HG23 . ILE A 1 2  ? 7.536  -0.105 3.792  1.00 0.00 ? 2  ILE A HG23 1 
ATOM   23  H HD11 . ILE A 1 2  ? 6.889  4.026  1.675  1.00 0.00 ? 2  ILE A HD11 1 
ATOM   24  H HD12 . ILE A 1 2  ? 7.911  2.929  0.717  1.00 0.00 ? 2  ILE A HD12 1 
ATOM   25  H HD13 . ILE A 1 2  ? 6.476  2.298  1.559  1.00 0.00 ? 2  ILE A HD13 1 
ATOM   26  N N    . TRP A 1 3  ? 4.596  4.315  3.197  1.00 0.00 ? 3  TRP A N    1 
ATOM   27  C CA   . TRP A 1 3  ? 3.547  4.619  2.237  1.00 0.00 ? 3  TRP A CA   1 
ATOM   28  C C    . TRP A 1 3  ? 4.126  4.440  0.832  1.00 0.00 ? 3  TRP A C    1 
ATOM   29  O O    . TRP A 1 3  ? 4.734  5.360  0.287  1.00 0.00 ? 3  TRP A O    1 
ATOM   30  C CB   . TRP A 1 3  ? 2.974  6.017  2.476  1.00 0.00 ? 3  TRP A CB   1 
ATOM   31  C CG   . TRP A 1 3  ? 1.753  6.041  3.397  1.00 0.00 ? 3  TRP A CG   1 
ATOM   32  C CD1  . TRP A 1 3  ? 0.477  6.282  3.069  1.00 0.00 ? 3  TRP A CD1  1 
ATOM   33  C CD2  . TRP A 1 3  ? 1.747  5.804  4.821  1.00 0.00 ? 3  TRP A CD2  1 
ATOM   34  N NE1  . TRP A 1 3  ? -0.350 6.218  4.173  1.00 0.00 ? 3  TRP A NE1  1 
ATOM   35  C CE2  . TRP A 1 3  ? 0.447  5.918  5.272  1.00 0.00 ? 3  TRP A CE2  1 
ATOM   36  C CE3  . TRP A 1 3  ? 2.803  5.503  5.699  1.00 0.00 ? 3  TRP A CE3  1 
ATOM   37  C CZ2  . TRP A 1 3  ? 0.083  5.747  6.614  1.00 0.00 ? 3  TRP A CZ2  1 
ATOM   38  C CZ3  . TRP A 1 3  ? 2.423  5.335  7.035  1.00 0.00 ? 3  TRP A CZ3  1 
ATOM   39  C CH2  . TRP A 1 3  ? 1.119  5.446  7.506  1.00 0.00 ? 3  TRP A CH2  1 
ATOM   40  H H    . TRP A 1 3  ? 4.922  5.098  3.728  1.00 0.00 ? 3  TRP A H    1 
ATOM   41  H HA   . TRP A 1 3  ? 2.734  3.911  2.398  1.00 0.00 ? 3  TRP A HA   1 
ATOM   42  H HB2  . TRP A 1 3  ? 3.752  6.649  2.903  1.00 0.00 ? 3  TRP A HB2  1 
ATOM   43  H HB3  . TRP A 1 3  ? 2.700  6.454  1.515  1.00 0.00 ? 3  TRP A HB3  1 
ATOM   44  H HD1  . TRP A 1 3  ? 0.133  6.502  2.059  1.00 0.00 ? 3  TRP A HD1  1 
ATOM   45  H HE1  . TRP A 1 3  ? -1.429 6.374  4.182  1.00 0.00 ? 3  TRP A HE1  1 
ATOM   46  H HE3  . TRP A 1 3  ? 3.837  5.407  5.367  1.00 0.00 ? 3  TRP A HE3  1 
ATOM   47  H HZ2  . TRP A 1 3  ? -0.951 5.842  6.945  1.00 0.00 ? 3  TRP A HZ2  1 
ATOM   48  H HZ3  . TRP A 1 3  ? 3.204  5.100  7.759  1.00 0.00 ? 3  TRP A HZ3  1 
ATOM   49  H HH2  . TRP A 1 3  ? 0.905  5.300  8.564  1.00 0.00 ? 3  TRP A HH2  1 
ATOM   50  N N    . GLY A 1 4  ? 3.914  3.252  0.286  1.00 0.00 ? 4  GLY A N    1 
ATOM   51  C CA   . GLY A 1 4  ? 4.349  2.964  -1.070 1.00 0.00 ? 4  GLY A CA   1 
ATOM   52  C C    . GLY A 1 4  ? 3.494  1.860  -1.696 1.00 0.00 ? 4  GLY A C    1 
ATOM   53  O O    . GLY A 1 4  ? 3.678  0.681  -1.395 1.00 0.00 ? 4  GLY A O    1 
ATOM   54  H H    . GLY A 1 4  ? 3.457  2.496  0.753  1.00 0.00 ? 4  GLY A H    1 
ATOM   55  H HA2  . GLY A 1 4  ? 4.283  3.867  -1.676 1.00 0.00 ? 4  GLY A HA2  1 
ATOM   56  H HA3  . GLY A 1 4  ? 5.395  2.659  -1.064 1.00 0.00 ? 4  GLY A HA3  1 
ATOM   57  N N    . CYS A 1 5  ? 2.577  2.280  -2.555 1.00 0.00 ? 5  CYS A N    1 
ATOM   58  C CA   . CYS A 1 5  ? 1.692  1.343  -3.224 1.00 0.00 ? 5  CYS A CA   1 
ATOM   59  C C    . CYS A 1 5  ? 2.303  0.988  -4.582 1.00 0.00 ? 5  CYS A C    1 
ATOM   60  O O    . CYS A 1 5  ? 2.061  1.676  -5.573 1.00 0.00 ? 5  CYS A O    1 
ATOM   61  C CB   . CYS A 1 5  ? 0.276  1.904  -3.365 1.00 0.00 ? 5  CYS A CB   1 
ATOM   62  S SG   . CYS A 1 5  ? -0.571 2.257  -1.782 1.00 0.00 ? 5  CYS A SG   1 
ATOM   63  H H    . CYS A 1 5  ? 2.436  3.241  -2.796 1.00 0.00 ? 5  CYS A H    1 
ATOM   64  H HA   . CYS A 1 5  ? 1.630  0.461  -2.586 1.00 0.00 ? 5  CYS A HA   1 
ATOM   65  H HB2  . CYS A 1 5  ? 0.321  2.823  -3.949 1.00 0.00 ? 5  CYS A HB2  1 
ATOM   66  H HB3  . CYS A 1 5  ? -0.327 1.194  -3.932 1.00 0.00 ? 5  CYS A HB3  1 
ATOM   67  N N    . SER A 1 6  ? 3.083  -0.083 -4.582 1.00 0.00 ? 6  SER A N    1 
ATOM   68  C CA   . SER A 1 6  ? 3.657  -0.589 -5.817 1.00 0.00 ? 6  SER A CA   1 
ATOM   69  C C    . SER A 1 6  ? 3.277  -2.058 -6.007 1.00 0.00 ? 6  SER A C    1 
ATOM   70  O O    . SER A 1 6  ? 3.999  -2.953 -5.570 1.00 0.00 ? 6  SER A O    1 
ATOM   71  C CB   . SER A 1 6  ? 5.179  -0.431 -5.821 1.00 0.00 ? 6  SER A CB   1 
ATOM   72  O OG   . SER A 1 6  ? 5.713  -0.437 -7.142 1.00 0.00 ? 6  SER A OG   1 
ATOM   73  H H    . SER A 1 6  ? 3.322  -0.601 -3.761 1.00 0.00 ? 6  SER A H    1 
ATOM   74  H HA   . SER A 1 6  ? 3.227  0.024  -6.608 1.00 0.00 ? 6  SER A HA   1 
ATOM   75  H HB2  . SER A 1 6  ? 5.448  0.502  -5.326 1.00 0.00 ? 6  SER A HB2  1 
ATOM   76  H HB3  . SER A 1 6  ? 5.630  -1.239 -5.244 1.00 0.00 ? 6  SER A HB3  1 
ATOM   77  H HG   . SER A 1 6  ? 6.246  0.395  -7.299 1.00 0.00 ? 6  SER A HG   1 
ATOM   78  N N    . GLY A 1 7  ? 2.142  -2.262 -6.660 1.00 0.00 ? 7  GLY A N    1 
ATOM   79  C CA   . GLY A 1 7  ? 1.678  -3.607 -6.952 1.00 0.00 ? 7  GLY A CA   1 
ATOM   80  C C    . GLY A 1 7  ? 1.151  -4.293 -5.689 1.00 0.00 ? 7  GLY A C    1 
ATOM   81  O O    . GLY A 1 7  ? 1.676  -5.324 -5.273 1.00 0.00 ? 7  GLY A O    1 
ATOM   82  H H    . GLY A 1 7  ? 1.545  -1.529 -6.987 1.00 0.00 ? 7  GLY A H    1 
ATOM   83  H HA2  . GLY A 1 7  ? 0.889  -3.569 -7.705 1.00 0.00 ? 7  GLY A HA2  1 
ATOM   84  H HA3  . GLY A 1 7  ? 2.493  -4.195 -7.375 1.00 0.00 ? 7  GLY A HA3  1 
ATOM   85  N N    . LYS A 1 8  ? 0.119  -3.691 -5.115 1.00 0.00 ? 8  LYS A N    1 
ATOM   86  C CA   . LYS A 1 8  ? -0.364 -4.115 -3.813 1.00 0.00 ? 8  LYS A CA   1 
ATOM   87  C C    . LYS A 1 8  ? -1.867 -3.845 -3.717 1.00 0.00 ? 8  LYS A C    1 
ATOM   88  O O    . LYS A 1 8  ? -2.288 -2.695 -3.599 1.00 0.00 ? 8  LYS A O    1 
ATOM   89  C CB   . LYS A 1 8  ? 0.451  -3.454 -2.699 1.00 0.00 ? 8  LYS A CB   1 
ATOM   90  C CG   . LYS A 1 8  ? 1.855  -4.055 -2.616 1.00 0.00 ? 8  LYS A CG   1 
ATOM   91  C CD   . LYS A 1 8  ? 2.743  -3.247 -1.668 1.00 0.00 ? 8  LYS A CD   1 
ATOM   92  C CE   . LYS A 1 8  ? 4.178  -3.779 -1.672 1.00 0.00 ? 8  LYS A CE   1 
ATOM   93  N NZ   . LYS A 1 8  ? 5.043  -2.941 -0.811 1.00 0.00 ? 8  LYS A NZ   1 
ATOM   94  H H    . LYS A 1 8  ? -0.382 -2.929 -5.525 1.00 0.00 ? 8  LYS A H    1 
ATOM   95  H HA   . LYS A 1 8  ? -0.200 -5.190 -3.737 1.00 0.00 ? 8  LYS A HA   1 
ATOM   96  H HB2  . LYS A 1 8  ? 0.520  -2.382 -2.879 1.00 0.00 ? 8  LYS A HB2  1 
ATOM   97  H HB3  . LYS A 1 8  ? -0.060 -3.583 -1.744 1.00 0.00 ? 8  LYS A HB3  1 
ATOM   98  H HG2  . LYS A 1 8  ? 1.794  -5.087 -2.271 1.00 0.00 ? 8  LYS A HG2  1 
ATOM   99  H HG3  . LYS A 1 8  ? 2.304  -4.077 -3.609 1.00 0.00 ? 8  LYS A HG3  1 
ATOM   100 H HD2  . LYS A 1 8  ? 2.739  -2.198 -1.964 1.00 0.00 ? 8  LYS A HD2  1 
ATOM   101 H HD3  . LYS A 1 8  ? 2.337  -3.293 -0.657 1.00 0.00 ? 8  LYS A HD3  1 
ATOM   102 H HE2  . LYS A 1 8  ? 4.191  -4.809 -1.317 1.00 0.00 ? 8  LYS A HE2  1 
ATOM   103 H HE3  . LYS A 1 8  ? 4.566  -3.787 -2.691 1.00 0.00 ? 8  LYS A HE3  1 
ATOM   104 H HZ1  . LYS A 1 8  ? 4.874  -1.952 -0.951 1.00 0.00 ? 8  LYS A HZ1  1 
ATOM   105 H HZ2  . LYS A 1 8  ? 4.895  -3.129 0.173  1.00 0.00 ? 8  LYS A HZ2  1 
ATOM   106 N N    . LEU A 1 9  ? -2.634 -4.923 -3.774 1.00 0.00 ? 9  LEU A N    1 
ATOM   107 C CA   . LEU A 1 9  ? -4.058 -4.845 -3.493 1.00 0.00 ? 9  LEU A CA   1 
ATOM   108 C C    . LEU A 1 9  ? -4.265 -4.265 -2.093 1.00 0.00 ? 9  LEU A C    1 
ATOM   109 O O    . LEU A 1 9  ? -5.165 -3.453 -1.880 1.00 0.00 ? 9  LEU A O    1 
ATOM   110 C CB   . LEU A 1 9  ? -4.720 -6.209 -3.698 1.00 0.00 ? 9  LEU A CB   1 
ATOM   111 C CG   . LEU A 1 9  ? -5.888 -6.245 -4.687 1.00 0.00 ? 9  LEU A CG   1 
ATOM   112 C CD1  . LEU A 1 9  ? -6.629 -7.581 -4.609 1.00 0.00 ? 9  LEU A CD1  1 
ATOM   113 C CD2  . LEU A 1 9  ? -6.824 -5.055 -4.474 1.00 0.00 ? 9  LEU A CD2  1 
ATOM   114 H H    . LEU A 1 9  ? -2.299 -5.836 -4.006 1.00 0.00 ? 9  LEU A H    1 
ATOM   115 H HA   . LEU A 1 9  ? -4.496 -4.161 -4.219 1.00 0.00 ? 9  LEU A HA   1 
ATOM   116 H HB2  . LEU A 1 9  ? -3.960 -6.913 -4.038 1.00 0.00 ? 9  LEU A HB2  1 
ATOM   117 H HB3  . LEU A 1 9  ? -5.077 -6.567 -2.733 1.00 0.00 ? 9  LEU A HB3  1 
ATOM   118 H HG   . LEU A 1 9  ? -5.483 -6.160 -5.696 1.00 0.00 ? 9  LEU A HG   1 
ATOM   119 H HD11 . LEU A 1 9  ? -6.279 -8.239 -5.404 1.00 0.00 ? 9  LEU A HD11 1 
ATOM   120 H HD12 . LEU A 1 9  ? -6.440 -8.047 -3.642 1.00 0.00 ? 9  LEU A HD12 1 
ATOM   121 H HD13 . LEU A 1 9  ? -7.700 -7.409 -4.726 1.00 0.00 ? 9  LEU A HD13 1 
ATOM   122 H HD21 . LEU A 1 9  ? -7.806 -5.416 -4.166 1.00 0.00 ? 9  LEU A HD21 1 
ATOM   123 H HD22 . LEU A 1 9  ? -6.416 -4.406 -3.699 1.00 0.00 ? 9  LEU A HD22 1 
ATOM   124 H HD23 . LEU A 1 9  ? -6.918 -4.495 -5.404 1.00 0.00 ? 9  LEU A HD23 1 
ATOM   125 N N    . ILE A 1 10 ? -3.418 -4.703 -1.173 1.00 0.00 ? 10 ILE A N    1 
ATOM   126 C CA   . ILE A 1 10 ? -3.575 -4.337 0.224  1.00 0.00 ? 10 ILE A CA   1 
ATOM   127 C C    . ILE A 1 10 ? -2.491 -3.327 0.606  1.00 0.00 ? 10 ILE A C    1 
ATOM   128 O O    . ILE A 1 10 ? -1.525 -3.673 1.284  1.00 0.00 ? 10 ILE A O    1 
ATOM   129 C CB   . ILE A 1 10 ? -3.589 -5.586 1.107  1.00 0.00 ? 10 ILE A CB   1 
ATOM   130 C CG1  . ILE A 1 10 ? -3.893 -5.225 2.563  1.00 0.00 ? 10 ILE A CG1  1 
ATOM   131 C CG2  . ILE A 1 10 ? -2.282 -6.368 0.971  1.00 0.00 ? 10 ILE A CG2  1 
ATOM   132 C CD1  . ILE A 1 10 ? -2.651 -4.665 3.260  1.00 0.00 ? 10 ILE A CD1  1 
ATOM   133 H H    . ILE A 1 10 ? -2.638 -5.297 -1.370 1.00 0.00 ? 10 ILE A H    1 
ATOM   134 H HA   . ILE A 1 10 ? -4.547 -3.857 0.329  1.00 0.00 ? 10 ILE A HA   1 
ATOM   135 H HB   . ILE A 1 10 ? -4.391 -6.238 0.763  1.00 0.00 ? 10 ILE A HB   1 
ATOM   136 H HG12 . ILE A 1 10 ? -4.697 -4.490 2.598  1.00 0.00 ? 10 ILE A HG12 1 
ATOM   137 H HG13 . ILE A 1 10 ? -4.245 -6.108 3.094  1.00 0.00 ? 10 ILE A HG13 1 
ATOM   138 H HG21 . ILE A 1 10 ? -1.993 -6.766 1.945  1.00 0.00 ? 10 ILE A HG21 1 
ATOM   139 H HG22 . ILE A 1 10 ? -2.421 -7.191 0.271  1.00 0.00 ? 10 ILE A HG22 1 
ATOM   140 H HG23 . ILE A 1 10 ? -1.498 -5.707 0.602  1.00 0.00 ? 10 ILE A HG23 1 
ATOM   141 H HD11 . ILE A 1 10 ? -2.711 -4.870 4.327  1.00 0.00 ? 10 ILE A HD11 1 
ATOM   142 H HD12 . ILE A 1 10 ? -1.760 -5.137 2.848  1.00 0.00 ? 10 ILE A HD12 1 
ATOM   143 H HD13 . ILE A 1 10 ? -2.599 -3.588 3.098  1.00 0.00 ? 10 ILE A HD13 1 
ATOM   144 N N    . CYS A 1 11 ? -2.687 -2.097 0.153  1.00 0.00 ? 11 CYS A N    1 
ATOM   145 C CA   . CYS A 1 11 ? -1.762 -1.024 0.475  1.00 0.00 ? 11 CYS A CA   1 
ATOM   146 C C    . CYS A 1 11 ? -2.566 0.157  1.022  1.00 0.00 ? 11 CYS A C    1 
ATOM   147 O O    . CYS A 1 11 ? -2.382 1.292  0.585  1.00 0.00 ? 11 CYS A O    1 
ATOM   148 C CB   . CYS A 1 11 ? -0.914 -0.626 -0.734 1.00 0.00 ? 11 CYS A CB   1 
ATOM   149 S SG   . CYS A 1 11 ? 0.187  0.809  -0.461 1.00 0.00 ? 11 CYS A SG   1 
ATOM   150 H H    . CYS A 1 11 ? -3.460 -1.829 -0.422 1.00 0.00 ? 11 CYS A H    1 
ATOM   151 H HA   . CYS A 1 11 ? -1.082 -1.414 1.234  1.00 0.00 ? 11 CYS A HA   1 
ATOM   152 H HB2  . CYS A 1 11 ? -0.306 -1.481 -1.031 1.00 0.00 ? 11 CYS A HB2  1 
ATOM   153 H HB3  . CYS A 1 11 ? -1.579 -0.403 -1.569 1.00 0.00 ? 11 CYS A HB3  1 
ATOM   154 N N    . THR A 1 12 ? -3.441 -0.151 1.967  1.00 0.00 ? 12 THR A N    1 
ATOM   155 C CA   . THR A 1 12 ? -4.131 0.886  2.716  1.00 0.00 ? 12 THR A CA   1 
ATOM   156 C C    . THR A 1 12 ? -3.885 0.714  4.216  1.00 0.00 ? 12 THR A C    1 
ATOM   157 O O    . THR A 1 12 ? -4.416 -0.208 4.834  1.00 0.00 ? 12 THR A O    1 
ATOM   158 C CB   . THR A 1 12 ? -5.612 0.840  2.333  1.00 0.00 ? 12 THR A CB   1 
ATOM   159 O OG1  . THR A 1 12 ? -5.599 0.647  0.921  1.00 0.00 ? 12 THR A OG1  1 
ATOM   160 C CG2  . THR A 1 12 ? -6.306 2.192  2.518  1.00 0.00 ? 12 THR A CG2  1 
ATOM   161 H H    . THR A 1 12 ? -3.681 -1.087 2.224  1.00 0.00 ? 12 THR A H    1 
ATOM   162 H HA   . THR A 1 12 ? -3.711 1.852  2.432  1.00 0.00 ? 12 THR A HA   1 
ATOM   163 H HB   . THR A 1 12 ? -6.131 0.057  2.884  1.00 0.00 ? 12 THR A HB   1 
ATOM   164 H HG1  . THR A 1 12 ? -6.439 1.011  0.519  1.00 0.00 ? 12 THR A HG1  1 
ATOM   165 H HG21 . THR A 1 12 ? -6.044 2.605  3.492  1.00 0.00 ? 12 THR A HG21 1 
ATOM   166 H HG22 . THR A 1 12 ? -5.981 2.877  1.735  1.00 0.00 ? 12 THR A HG22 1 
ATOM   167 H HG23 . THR A 1 12 ? -7.386 2.057  2.458  1.00 0.00 ? 12 THR A HG23 1 
ATOM   168 N N    . THR A 1 13 ? -3.081 1.617  4.759  1.00 0.00 ? 13 THR A N    1 
ATOM   169 C CA   . THR A 1 13 ? -2.719 1.548  6.165  1.00 0.00 ? 13 THR A CA   1 
ATOM   170 C C    . THR A 1 13 ? -2.952 2.899  6.841  1.00 0.00 ? 13 THR A C    1 
ATOM   171 O O    . THR A 1 13 ? -2.073 3.760  6.837  1.00 0.00 ? 13 THR A O    1 
ATOM   172 C CB   . THR A 1 13 ? -1.271 1.063  6.257  1.00 0.00 ? 13 THR A CB   1 
ATOM   173 O OG1  . THR A 1 13 ? -1.081 0.305  5.066  1.00 0.00 ? 13 THR A OG1  1 
ATOM   174 C CG2  . THR A 1 13 ? -1.064 0.048  7.383  1.00 0.00 ? 13 THR A CG2  1 
ATOM   175 H H    . THR A 1 13 ? -2.679 2.382  4.256  1.00 0.00 ? 13 THR A H    1 
ATOM   176 H HA   . THR A 1 13 ? -3.376 0.827  6.653  1.00 0.00 ? 13 THR A HA   1 
ATOM   177 H HB   . THR A 1 13 ? -0.586 1.904  6.361  1.00 0.00 ? 13 THR A HB   1 
ATOM   178 H HG1  . THR A 1 13 ? -1.276 0.871  4.265  1.00 0.00 ? 13 THR A HG1  1 
ATOM   179 H HG21 . THR A 1 13 ? -1.525 -0.901 7.106  1.00 0.00 ? 13 THR A HG21 1 
ATOM   180 H HG22 . THR A 1 13 ? 0.003  -0.101 7.547  1.00 0.00 ? 13 THR A HG22 1 
ATOM   181 H HG23 . THR A 1 13 ? -1.523 0.421  8.298  1.00 0.00 ? 13 THR A HG23 1 
ATOM   182 N N    . ALA A 1 14 ? -4.142 3.044  7.408  1.00 0.00 ? 14 ALA A N    1 
ATOM   183 C CA   . ALA A 1 14 ? -4.470 4.241  8.165  1.00 0.00 ? 14 ALA A CA   1 
ATOM   184 C C    . ALA A 1 14 ? -4.673 3.869  9.635  1.00 0.00 ? 14 ALA A C    1 
ATOM   185 O O    . ALA A 1 14 ? -5.729 3.365  10.012 1.00 0.00 ? 14 ALA A O    1 
ATOM   186 C CB   . ALA A 1 14 ? -5.705 4.907  7.556  1.00 0.00 ? 14 ALA A CB   1 
ATOM   187 H H    . ALA A 1 14 ? -4.873 2.363  7.357  1.00 0.00 ? 14 ALA A H    1 
ATOM   188 H HA   . ALA A 1 14 ? -3.626 4.926  8.085  1.00 0.00 ? 14 ALA A HA   1 
ATOM   189 H HB1  . ALA A 1 14 ? -5.411 5.827  7.052  1.00 0.00 ? 14 ALA A HB1  1 
ATOM   190 H HB2  . ALA A 1 14 ? -6.166 4.230  6.836  1.00 0.00 ? 14 ALA A HB2  1 
ATOM   191 H HB3  . ALA A 1 14 ? -6.420 5.138  8.347  1.00 0.00 ? 14 ALA A HB3  1 
# 
